data_7PN8
#
_entry.id   7PN8
#
_cell.length_a   51.172
_cell.length_b   57.996
_cell.length_c   60.863
_cell.angle_alpha   90.000
_cell.angle_beta   110.080
_cell.angle_gamma   90.000
#
_symmetry.space_group_name_H-M   'P 1 21 1'
#
loop_
_entity.id
_entity.type
_entity.pdbx_description
1 polymer 'Aromatic peroxygenase'
2 non-polymer 'PHOSPHATE ION'
3 non-polymer 'PROTOPORPHYRIN IX CONTAINING FE'
4 non-polymer 'MAGNESIUM ION'
5 non-polymer 'CHLORIDE ION'
6 non-polymer 2-acetamido-2-deoxy-beta-D-glucopyranose
7 non-polymer TETRADECANE
8 non-polymer GLYCEROL
9 water water
#
_entity_poly.entity_id   1
_entity_poly.type   'polypeptide(L)'
_entity_poly.pdbx_seq_one_letter_code
;EPGLPPGPLENSSAKLVNDEAHPWKPLRPGDIRGPCPGLNTLASHGYLPRNGVATPAQIINAVQEGFNFDNQAAIFLTYA
AHLVDGNLITDLLSIGRKTRLTGPDPPPPASVGGLNEHGTFEGDASMTRGDAFFGNNHDFNETLFEQLVDYSNRFGGGKY
NLTVAGELRFKRIQDSIATNPNFSFVDFRFFTAYGETTFPANLFVDGRRDDGQLDMDAARSFFQFSRMPDDFFRAPSPRS
GTGVEVVVQAHPMQPGRNVGKINSYTVDPTSSDFSTPCLMYEKFVNITVKSLYPNPTVQLRKALNTNLDFLFQGVAAGCT
QVFPYGRD
;
_entity_poly.pdbx_strand_id   A
#
# COMPACT_ATOMS: atom_id res chain seq x y z
N GLY A 3 16.37 12.87 1.91
CA GLY A 3 17.53 12.34 1.16
C GLY A 3 17.11 11.84 -0.21
N LEU A 4 18.05 11.44 -1.06
CA LEU A 4 17.72 10.90 -2.41
C LEU A 4 17.06 9.54 -2.23
N PRO A 5 16.18 9.11 -3.17
CA PRO A 5 15.65 7.76 -3.12
C PRO A 5 16.79 6.75 -3.20
N PRO A 6 16.83 5.74 -2.31
CA PRO A 6 17.78 4.64 -2.45
C PRO A 6 17.66 3.97 -3.83
N GLY A 7 18.77 3.43 -4.30
CA GLY A 7 18.80 2.61 -5.52
C GLY A 7 18.46 1.16 -5.22
N PRO A 8 18.44 0.31 -6.26
CA PRO A 8 18.13 -1.10 -6.09
C PRO A 8 19.20 -1.79 -5.24
N LEU A 9 18.87 -2.98 -4.76
CA LEU A 9 19.82 -3.82 -3.99
C LEU A 9 21.04 -4.14 -4.87
N GLU A 10 22.22 -4.09 -4.27
CA GLU A 10 23.47 -4.54 -4.92
C GLU A 10 23.39 -6.08 -5.06
N ASN A 11 22.80 -6.76 -4.09
CA ASN A 11 22.66 -8.24 -4.07
C ASN A 11 21.22 -8.60 -3.73
N SER A 12 20.45 -9.04 -4.72
CA SER A 12 18.99 -9.30 -4.58
C SER A 12 18.71 -10.80 -4.39
N SER A 13 19.69 -11.59 -3.94
CA SER A 13 19.48 -13.04 -3.71
C SER A 13 18.48 -13.28 -2.58
N ALA A 14 17.84 -14.44 -2.57
CA ALA A 14 17.11 -14.91 -1.37
C ALA A 14 18.10 -15.01 -0.20
N LYS A 15 17.67 -14.64 0.98
CA LYS A 15 18.47 -14.83 2.22
C LYS A 15 17.55 -14.78 3.42
N LEU A 16 18.02 -15.30 4.54
CA LEU A 16 17.27 -15.21 5.82
C LEU A 16 17.10 -13.73 6.18
N VAL A 17 15.85 -13.29 6.35
CA VAL A 17 15.61 -11.89 6.78
C VAL A 17 15.05 -11.89 8.20
N ASN A 18 14.56 -13.01 8.71
CA ASN A 18 14.20 -13.15 10.13
C ASN A 18 15.49 -13.59 10.85
N ASP A 19 16.44 -12.67 10.97
CA ASP A 19 17.81 -13.00 11.43
C ASP A 19 18.09 -12.35 12.78
N GLU A 20 19.29 -12.55 13.31
CA GLU A 20 19.58 -12.15 14.71
C GLU A 20 19.45 -10.63 14.86
N ALA A 21 19.77 -9.87 13.82
CA ALA A 21 19.74 -8.40 13.83
C ALA A 21 18.30 -7.87 13.70
N HIS A 22 17.34 -8.70 13.26
CA HIS A 22 15.97 -8.25 12.97
C HIS A 22 14.94 -9.18 13.62
N PRO A 23 14.96 -9.31 14.97
CA PRO A 23 14.00 -10.16 15.66
C PRO A 23 12.64 -9.47 15.74
N TRP A 24 11.59 -10.28 15.74
CA TRP A 24 10.23 -9.78 16.02
C TRP A 24 10.19 -9.33 17.47
N LYS A 25 9.59 -8.18 17.72
CA LYS A 25 9.29 -7.75 19.11
C LYS A 25 7.85 -7.25 19.14
N PRO A 26 7.18 -7.43 20.28
CA PRO A 26 5.84 -6.91 20.46
C PRO A 26 5.84 -5.38 20.50
N LEU A 27 4.66 -4.82 20.33
CA LEU A 27 4.48 -3.36 20.41
C LEU A 27 4.72 -2.88 21.85
N ARG A 28 5.37 -1.72 21.96
CA ARG A 28 5.48 -0.91 23.20
C ARG A 28 4.37 0.13 23.16
N PRO A 29 3.97 0.72 24.30
CA PRO A 29 3.02 1.83 24.26
C PRO A 29 3.53 2.93 23.32
N GLY A 30 2.64 3.41 22.44
CA GLY A 30 2.95 4.48 21.48
C GLY A 30 3.40 3.93 20.12
N ASP A 31 3.78 2.65 20.02
CA ASP A 31 4.24 2.11 18.72
C ASP A 31 3.06 2.08 17.76
N ILE A 32 3.28 2.50 16.51
CA ILE A 32 2.21 2.67 15.51
C ILE A 32 2.32 1.55 14.47
N ARG A 33 1.19 0.89 14.25
CA ARG A 33 1.01 -0.01 13.11
C ARG A 33 -0.27 0.37 12.39
N GLY A 34 -0.32 0.06 11.11
CA GLY A 34 -1.34 0.64 10.23
C GLY A 34 -1.94 -0.42 9.31
N PRO A 35 -2.46 0.01 8.14
CA PRO A 35 -3.18 -0.87 7.25
C PRO A 35 -2.32 -1.77 6.36
N CYS A 36 -1.00 -1.58 6.38
CA CYS A 36 -0.09 -2.32 5.47
C CYS A 36 0.64 -3.39 6.24
N PRO A 37 0.35 -4.69 6.01
CA PRO A 37 1.07 -5.75 6.71
C PRO A 37 2.56 -5.80 6.35
N GLY A 38 2.93 -5.30 5.17
CA GLY A 38 4.37 -5.29 4.78
C GLY A 38 5.15 -4.33 5.65
N LEU A 39 4.76 -3.08 5.67
CA LEU A 39 5.44 -2.07 6.51
C LEU A 39 5.31 -2.44 7.98
N ASN A 40 4.15 -2.93 8.40
CA ASN A 40 3.98 -3.32 9.82
C ASN A 40 5.03 -4.37 10.20
N THR A 41 5.24 -5.35 9.35
CA THR A 41 6.17 -6.47 9.64
C THR A 41 7.59 -5.90 9.67
N LEU A 42 7.92 -5.01 8.76
CA LEU A 42 9.28 -4.43 8.73
C LEU A 42 9.51 -3.63 10.02
N ALA A 43 8.54 -2.88 10.51
CA ALA A 43 8.67 -2.14 11.79
C ALA A 43 8.84 -3.16 12.94
N SER A 44 8.04 -4.22 12.95
CA SER A 44 8.04 -5.20 14.07
C SER A 44 9.28 -6.09 14.04
N HIS A 45 10.09 -6.04 12.98
CA HIS A 45 11.41 -6.72 12.92
C HIS A 45 12.57 -5.72 12.95
N GLY A 46 12.29 -4.43 13.09
CA GLY A 46 13.35 -3.42 13.18
C GLY A 46 14.06 -3.16 11.86
N TYR A 47 13.46 -3.50 10.72
CA TYR A 47 13.92 -3.00 9.40
C TYR A 47 13.53 -1.54 9.26
N LEU A 48 12.41 -1.16 9.87
CA LEU A 48 11.97 0.25 10.07
C LEU A 48 12.07 0.55 11.55
N PRO A 49 12.10 1.84 11.96
CA PRO A 49 11.94 2.17 13.37
C PRO A 49 10.72 1.46 13.97
N ARG A 50 10.89 0.89 15.15
CA ARG A 50 9.86 0.02 15.75
C ARG A 50 8.65 0.84 16.21
N ASN A 51 8.76 2.17 16.34
CA ASN A 51 7.61 3.04 16.67
C ASN A 51 6.73 3.33 15.45
N GLY A 52 7.13 2.89 14.25
CA GLY A 52 6.28 3.01 13.04
C GLY A 52 6.31 4.40 12.43
N VAL A 53 7.32 5.21 12.73
CA VAL A 53 7.51 6.54 12.08
C VAL A 53 8.84 6.49 11.36
N ALA A 54 8.85 6.77 10.06
CA ALA A 54 10.04 6.55 9.23
C ALA A 54 10.17 7.64 8.15
N THR A 55 11.37 7.79 7.61
CA THR A 55 11.62 8.61 6.41
C THR A 55 11.30 7.77 5.17
N PRO A 56 11.00 8.42 4.05
CA PRO A 56 10.84 7.70 2.79
C PRO A 56 12.03 6.80 2.46
N ALA A 57 13.26 7.29 2.67
CA ALA A 57 14.47 6.49 2.37
C ALA A 57 14.50 5.25 3.27
N GLN A 58 14.16 5.39 4.56
CA GLN A 58 14.09 4.21 5.45
C GLN A 58 13.07 3.21 4.93
N ILE A 59 11.92 3.68 4.46
CA ILE A 59 10.87 2.76 3.97
C ILE A 59 11.37 2.04 2.72
N ILE A 60 11.96 2.76 1.78
CA ILE A 60 12.42 2.13 0.52
C ILE A 60 13.50 1.09 0.83
N ASN A 61 14.46 1.45 1.68
CA ASN A 61 15.52 0.49 2.06
C ASN A 61 14.91 -0.73 2.75
N ALA A 62 13.92 -0.53 3.62
CA ALA A 62 13.31 -1.64 4.38
C ALA A 62 12.56 -2.60 3.44
N VAL A 63 11.74 -2.08 2.53
CA VAL A 63 10.93 -3.00 1.66
C VAL A 63 11.86 -3.77 0.73
N GLN A 64 12.97 -3.17 0.32
CA GLN A 64 13.96 -3.86 -0.55
C GLN A 64 14.70 -4.92 0.27
N GLU A 65 15.27 -4.52 1.40
N GLU A 65 15.30 -4.51 1.39
CA GLU A 65 16.15 -5.41 2.19
CA GLU A 65 16.15 -5.41 2.23
C GLU A 65 15.33 -6.55 2.83
C GLU A 65 15.30 -6.56 2.77
N GLY A 66 14.15 -6.25 3.36
CA GLY A 66 13.34 -7.23 4.10
C GLY A 66 12.54 -8.14 3.19
N PHE A 67 12.05 -7.64 2.05
CA PHE A 67 11.10 -8.41 1.20
C PHE A 67 11.52 -8.49 -0.27
N ASN A 68 12.58 -7.81 -0.70
CA ASN A 68 12.96 -7.75 -2.13
C ASN A 68 11.83 -7.09 -2.94
N PHE A 69 11.16 -6.08 -2.39
CA PHE A 69 10.27 -5.22 -3.19
C PHE A 69 11.14 -4.51 -4.23
N ASP A 70 10.67 -4.39 -5.47
CA ASP A 70 11.51 -3.77 -6.52
C ASP A 70 11.54 -2.25 -6.35
N ASN A 71 12.65 -1.67 -6.82
CA ASN A 71 12.99 -0.24 -6.58
C ASN A 71 11.92 0.69 -7.15
N GLN A 72 11.48 0.48 -8.39
CA GLN A 72 10.52 1.42 -9.00
C GLN A 72 9.22 1.41 -8.19
N ALA A 73 8.73 0.23 -7.83
CA ALA A 73 7.49 0.11 -7.03
C ALA A 73 7.69 0.76 -5.66
N ALA A 74 8.81 0.49 -5.01
CA ALA A 74 9.15 1.06 -3.70
C ALA A 74 9.09 2.59 -3.77
N ILE A 75 9.73 3.17 -4.78
CA ILE A 75 9.78 4.64 -4.95
C ILE A 75 8.37 5.17 -5.19
N PHE A 76 7.61 4.56 -6.11
CA PHE A 76 6.28 5.09 -6.47
C PHE A 76 5.39 5.09 -5.22
N LEU A 77 5.29 3.93 -4.54
CA LEU A 77 4.32 3.84 -3.43
C LEU A 77 4.79 4.72 -2.27
N THR A 78 6.09 4.75 -1.97
CA THR A 78 6.59 5.46 -0.78
C THR A 78 6.36 6.96 -0.96
N TYR A 79 6.74 7.52 -2.11
CA TYR A 79 6.60 8.98 -2.31
C TYR A 79 5.12 9.33 -2.48
N ALA A 80 4.29 8.47 -3.07
CA ALA A 80 2.84 8.75 -3.13
C ALA A 80 2.31 8.86 -1.71
N ALA A 81 2.60 7.88 -0.88
CA ALA A 81 2.15 7.87 0.54
C ALA A 81 2.66 9.13 1.25
N HIS A 82 3.94 9.44 1.10
CA HIS A 82 4.56 10.56 1.86
C HIS A 82 3.92 11.89 1.44
N LEU A 83 3.71 12.08 0.13
CA LEU A 83 3.11 13.33 -0.37
C LEU A 83 1.76 13.59 0.27
N VAL A 84 0.93 12.56 0.42
CA VAL A 84 -0.47 12.78 0.86
C VAL A 84 -0.62 12.55 2.37
N ASP A 85 0.28 11.81 3.02
CA ASP A 85 0.08 11.36 4.42
C ASP A 85 1.26 11.76 5.33
N GLY A 86 2.39 12.13 4.76
CA GLY A 86 3.64 12.40 5.50
C GLY A 86 3.87 13.89 5.70
N ASN A 87 4.84 14.20 6.56
CA ASN A 87 5.25 15.59 6.81
C ASN A 87 6.41 15.91 5.87
N LEU A 88 6.17 16.77 4.89
CA LEU A 88 7.17 17.03 3.83
C LEU A 88 8.33 17.86 4.38
N ILE A 89 8.13 18.60 5.47
CA ILE A 89 9.21 19.46 6.03
C ILE A 89 10.12 18.60 6.92
N THR A 90 9.56 17.73 7.76
CA THR A 90 10.38 16.89 8.68
C THR A 90 10.85 15.61 7.95
N ASP A 91 10.25 15.28 6.81
CA ASP A 91 10.56 14.05 6.02
C ASP A 91 10.17 12.80 6.81
N LEU A 92 9.11 12.86 7.61
CA LEU A 92 8.64 11.70 8.41
C LEU A 92 7.21 11.31 8.02
N LEU A 93 6.97 10.01 8.01
CA LEU A 93 5.65 9.42 7.70
C LEU A 93 5.31 8.40 8.78
N SER A 94 4.10 8.46 9.29
CA SER A 94 3.54 7.41 10.17
C SER A 94 3.00 6.28 9.30
N ILE A 95 3.32 5.04 9.63
CA ILE A 95 2.76 3.88 8.90
C ILE A 95 1.36 3.55 9.42
N GLY A 96 0.80 4.35 10.32
CA GLY A 96 -0.56 4.13 10.81
C GLY A 96 -1.23 5.43 11.16
N ARG A 97 -1.59 5.60 12.42
CA ARG A 97 -2.39 6.76 12.87
CA ARG A 97 -2.39 6.77 12.86
C ARG A 97 -1.60 8.08 12.77
N LYS A 98 -2.34 9.16 12.72
CA LYS A 98 -1.77 10.51 12.84
C LYS A 98 -1.06 10.60 14.19
N THR A 99 0.07 11.27 14.19
CA THR A 99 0.92 11.37 15.41
C THR A 99 1.66 12.70 15.40
N ARG A 100 1.83 13.27 16.59
CA ARG A 100 2.68 14.47 16.78
C ARG A 100 4.15 14.12 16.49
N LEU A 101 4.49 12.83 16.42
CA LEU A 101 5.90 12.40 16.18
C LEU A 101 6.36 12.77 14.77
N THR A 102 5.46 13.09 13.82
CA THR A 102 5.89 13.52 12.47
C THR A 102 6.23 15.02 12.46
N GLY A 103 6.00 15.73 13.56
CA GLY A 103 6.45 17.12 13.74
C GLY A 103 5.32 18.12 13.58
N PRO A 104 5.66 19.43 13.53
CA PRO A 104 4.66 20.49 13.38
C PRO A 104 3.94 20.32 12.04
N ASP A 105 2.62 20.40 12.07
CA ASP A 105 1.78 20.18 10.87
C ASP A 105 1.83 21.39 9.95
N PRO A 106 1.67 21.15 8.63
CA PRO A 106 1.45 22.23 7.67
C PRO A 106 0.04 22.76 7.87
N PRO A 107 -0.33 23.89 7.22
CA PRO A 107 -1.67 24.43 7.39
C PRO A 107 -2.72 23.55 6.72
N PRO A 108 -4.01 23.61 7.15
CA PRO A 108 -5.06 22.93 6.43
C PRO A 108 -5.10 23.55 5.04
N PRO A 109 -5.60 22.81 4.03
CA PRO A 109 -6.28 21.54 4.23
C PRO A 109 -5.43 20.26 4.26
N ALA A 110 -4.10 20.38 4.35
CA ALA A 110 -3.21 19.20 4.46
C ALA A 110 -3.49 18.52 5.80
N SER A 111 -3.56 17.18 5.83
CA SER A 111 -4.00 16.40 7.01
C SER A 111 -2.81 15.72 7.72
N VAL A 112 -1.76 15.33 6.99
CA VAL A 112 -0.58 14.58 7.50
C VAL A 112 -1.12 13.52 8.48
N GLY A 113 -1.99 12.66 7.96
CA GLY A 113 -2.79 11.73 8.77
C GLY A 113 -2.15 10.36 8.92
N GLY A 114 -0.96 10.15 8.37
CA GLY A 114 -0.36 8.81 8.36
C GLY A 114 -1.06 7.89 7.38
N LEU A 115 -0.60 6.66 7.24
CA LEU A 115 -1.22 5.72 6.28
C LEU A 115 -2.67 5.41 6.66
N ASN A 116 -3.10 5.65 7.89
CA ASN A 116 -4.50 5.41 8.30
C ASN A 116 -5.43 6.42 7.63
N GLU A 117 -4.93 7.50 7.05
CA GLU A 117 -5.85 8.54 6.51
C GLU A 117 -6.66 7.95 5.36
N HIS A 118 -7.98 7.91 5.49
CA HIS A 118 -8.85 7.35 4.43
C HIS A 118 -8.91 8.26 3.21
N GLY A 119 -8.76 7.68 2.03
CA GLY A 119 -9.10 8.40 0.77
C GLY A 119 -7.92 9.11 0.15
N THR A 120 -6.74 9.06 0.79
CA THR A 120 -5.49 9.62 0.23
C THR A 120 -4.71 8.48 -0.42
N PHE A 121 -4.27 7.52 0.38
CA PHE A 121 -3.66 6.25 -0.12
C PHE A 121 -4.61 5.11 0.25
N GLU A 122 -4.84 4.92 1.54
CA GLU A 122 -5.73 3.87 2.08
C GLU A 122 -7.11 3.98 1.42
N GLY A 123 -7.71 2.84 1.14
CA GLY A 123 -9.11 2.88 0.69
C GLY A 123 -9.86 1.57 0.83
N ASP A 124 -11.03 1.55 0.22
CA ASP A 124 -12.06 0.52 0.48
C ASP A 124 -11.70 -0.82 -0.16
N ALA A 125 -12.44 -1.85 0.24
CA ALA A 125 -12.34 -3.22 -0.29
C ALA A 125 -10.93 -3.78 -0.04
N SER A 126 -10.34 -3.43 1.08
CA SER A 126 -9.15 -4.13 1.62
C SER A 126 -9.51 -5.58 1.96
N MET A 127 -8.53 -6.46 1.97
CA MET A 127 -8.77 -7.90 2.17
C MET A 127 -8.98 -8.21 3.65
N THR A 128 -8.16 -7.65 4.53
CA THR A 128 -8.14 -8.05 5.97
C THR A 128 -8.45 -6.86 6.87
N ARG A 129 -8.74 -5.69 6.30
CA ARG A 129 -9.12 -4.46 7.03
C ARG A 129 -10.48 -4.02 6.52
N GLY A 130 -11.29 -3.48 7.41
CA GLY A 130 -12.62 -2.98 7.05
C GLY A 130 -12.56 -1.63 6.36
N ASP A 131 -13.63 -1.31 5.62
CA ASP A 131 -13.77 0.04 5.03
C ASP A 131 -13.88 1.07 6.15
N ALA A 132 -13.38 2.26 5.89
CA ALA A 132 -13.37 3.34 6.90
C ALA A 132 -14.80 3.62 7.37
N PHE A 133 -15.81 3.50 6.50
CA PHE A 133 -17.22 3.77 6.87
C PHE A 133 -17.64 2.90 8.05
N PHE A 134 -17.05 1.71 8.21
CA PHE A 134 -17.46 0.76 9.27
C PHE A 134 -16.66 0.99 10.57
N GLY A 135 -15.78 1.99 10.62
CA GLY A 135 -15.21 2.50 11.89
C GLY A 135 -13.74 2.18 12.09
N ASN A 136 -13.13 1.35 11.26
CA ASN A 136 -11.71 0.96 11.49
C ASN A 136 -11.08 0.46 10.20
N ASN A 137 -10.28 1.30 9.57
CA ASN A 137 -9.67 0.98 8.26
C ASN A 137 -8.25 0.42 8.41
N HIS A 138 -7.80 0.09 9.62
CA HIS A 138 -6.36 -0.20 9.83
C HIS A 138 -6.09 -1.49 10.61
N ASP A 139 -6.93 -1.85 11.58
CA ASP A 139 -6.62 -3.02 12.44
C ASP A 139 -6.94 -4.30 11.65
N PHE A 140 -6.17 -5.34 11.93
CA PHE A 140 -6.50 -6.70 11.46
C PHE A 140 -7.91 -7.06 11.90
N ASN A 141 -8.66 -7.65 10.98
CA ASN A 141 -10.05 -8.06 11.22
C ASN A 141 -10.14 -9.58 11.05
N GLU A 142 -10.48 -10.30 12.11
CA GLU A 142 -10.50 -11.78 12.11
C GLU A 142 -11.58 -12.32 11.16
N THR A 143 -12.77 -11.72 11.13
CA THR A 143 -13.85 -12.14 10.23
C THR A 143 -13.36 -12.04 8.78
N LEU A 144 -12.72 -10.94 8.41
CA LEU A 144 -12.24 -10.76 7.02
C LEU A 144 -11.10 -11.74 6.75
N PHE A 145 -10.20 -11.93 7.70
CA PHE A 145 -9.13 -12.93 7.51
C PHE A 145 -9.72 -14.33 7.33
N GLU A 146 -10.75 -14.69 8.09
CA GLU A 146 -11.37 -16.04 7.93
C GLU A 146 -11.97 -16.16 6.53
N GLN A 147 -12.47 -15.07 5.95
CA GLN A 147 -12.96 -15.10 4.55
C GLN A 147 -11.78 -15.33 3.60
N LEU A 148 -10.65 -14.72 3.87
CA LEU A 148 -9.44 -14.99 3.06
C LEU A 148 -9.09 -16.48 3.16
N VAL A 149 -9.14 -17.07 4.35
CA VAL A 149 -8.86 -18.51 4.54
C VAL A 149 -9.87 -19.33 3.74
N ASP A 150 -11.15 -19.00 3.82
CA ASP A 150 -12.21 -19.73 3.11
C ASP A 150 -11.94 -19.66 1.60
N TYR A 151 -11.59 -18.49 1.08
CA TYR A 151 -11.31 -18.32 -0.37
C TYR A 151 -10.05 -19.12 -0.73
N SER A 152 -9.08 -19.20 0.16
CA SER A 152 -7.84 -19.99 -0.05
C SER A 152 -8.19 -21.48 -0.09
N ASN A 153 -9.08 -21.92 0.79
CA ASN A 153 -9.55 -23.33 0.79
C ASN A 153 -10.30 -23.64 -0.50
N ARG A 154 -11.10 -22.71 -1.01
CA ARG A 154 -12.01 -22.99 -2.15
C ARG A 154 -11.24 -22.88 -3.48
N PHE A 155 -10.30 -21.94 -3.61
CA PHE A 155 -9.69 -21.61 -4.92
C PHE A 155 -8.19 -21.87 -4.93
N GLY A 156 -7.57 -22.19 -3.79
CA GLY A 156 -6.10 -22.29 -3.70
C GLY A 156 -5.62 -23.59 -3.08
N GLY A 157 -6.49 -24.60 -2.92
CA GLY A 157 -6.09 -25.84 -2.24
C GLY A 157 -5.62 -25.58 -0.82
N GLY A 158 -6.13 -24.52 -0.17
CA GLY A 158 -5.75 -24.17 1.20
C GLY A 158 -4.64 -23.13 1.26
N LYS A 159 -4.10 -22.71 0.13
CA LYS A 159 -3.04 -21.67 0.06
C LYS A 159 -3.60 -20.43 -0.64
N TYR A 160 -3.03 -19.28 -0.34
CA TYR A 160 -3.36 -18.04 -1.07
C TYR A 160 -2.46 -17.95 -2.29
N ASN A 161 -3.07 -17.81 -3.47
CA ASN A 161 -2.33 -17.66 -4.74
C ASN A 161 -3.09 -16.68 -5.62
N LEU A 162 -2.62 -16.41 -6.83
CA LEU A 162 -3.24 -15.36 -7.66
C LEU A 162 -4.68 -15.73 -8.02
N THR A 163 -5.00 -17.03 -8.11
CA THR A 163 -6.41 -17.45 -8.39
C THR A 163 -7.29 -17.01 -7.21
N VAL A 164 -6.82 -17.25 -6.00
CA VAL A 164 -7.56 -16.81 -4.78
C VAL A 164 -7.69 -15.28 -4.80
N ALA A 165 -6.60 -14.59 -5.09
CA ALA A 165 -6.56 -13.11 -5.16
C ALA A 165 -7.66 -12.63 -6.12
N GLY A 166 -7.75 -13.22 -7.30
CA GLY A 166 -8.76 -12.78 -8.28
C GLY A 166 -10.16 -12.90 -7.71
N GLU A 167 -10.45 -14.00 -7.01
CA GLU A 167 -11.81 -14.23 -6.49
C GLU A 167 -12.06 -13.33 -5.29
N LEU A 168 -11.09 -13.21 -4.39
CA LEU A 168 -11.28 -12.42 -3.15
C LEU A 168 -11.36 -10.92 -3.47
N ARG A 169 -10.53 -10.43 -4.38
CA ARG A 169 -10.57 -9.01 -4.78
C ARG A 169 -11.99 -8.67 -5.19
N PHE A 170 -12.59 -9.48 -6.05
CA PHE A 170 -13.96 -9.24 -6.54
C PHE A 170 -14.97 -9.33 -5.39
N LYS A 171 -14.86 -10.36 -4.56
N LYS A 171 -14.84 -10.34 -4.53
CA LYS A 171 -15.79 -10.52 -3.41
CA LYS A 171 -15.78 -10.54 -3.40
C LYS A 171 -15.76 -9.24 -2.56
C LYS A 171 -15.75 -9.29 -2.51
N ARG A 172 -14.57 -8.70 -2.27
CA ARG A 172 -14.48 -7.51 -1.39
C ARG A 172 -15.13 -6.31 -2.06
N ILE A 173 -14.94 -6.16 -3.36
CA ILE A 173 -15.61 -5.06 -4.10
C ILE A 173 -17.13 -5.23 -3.95
N GLN A 174 -17.65 -6.44 -4.16
N GLN A 174 -17.64 -6.45 -4.18
CA GLN A 174 -19.11 -6.69 -4.12
CA GLN A 174 -19.09 -6.76 -4.09
C GLN A 174 -19.60 -6.47 -2.68
C GLN A 174 -19.57 -6.42 -2.68
N ASP A 175 -18.82 -6.83 -1.67
CA ASP A 175 -19.22 -6.62 -0.26
C ASP A 175 -19.31 -5.12 0.02
N SER A 176 -18.35 -4.32 -0.44
CA SER A 176 -18.38 -2.85 -0.27
C SER A 176 -19.58 -2.28 -1.03
N ILE A 177 -19.86 -2.72 -2.25
CA ILE A 177 -21.02 -2.17 -3.00
C ILE A 177 -22.29 -2.45 -2.19
N ALA A 178 -22.41 -3.63 -1.60
CA ALA A 178 -23.66 -4.06 -0.94
C ALA A 178 -23.85 -3.38 0.41
N THR A 179 -22.81 -2.87 1.06
CA THR A 179 -22.90 -2.48 2.48
C THR A 179 -22.38 -1.06 2.74
N ASN A 180 -21.49 -0.52 1.90
CA ASN A 180 -20.84 0.78 2.17
C ASN A 180 -21.40 1.84 1.22
N PRO A 181 -22.32 2.70 1.68
CA PRO A 181 -22.96 3.68 0.79
C PRO A 181 -21.99 4.72 0.25
N ASN A 182 -20.80 4.81 0.85
CA ASN A 182 -19.76 5.78 0.49
C ASN A 182 -18.62 5.06 -0.25
N PHE A 183 -18.80 3.80 -0.64
CA PHE A 183 -17.74 3.02 -1.33
C PHE A 183 -17.15 3.84 -2.48
N SER A 184 -15.82 3.96 -2.52
CA SER A 184 -15.08 4.68 -3.58
C SER A 184 -14.03 3.74 -4.15
N PHE A 185 -14.01 3.59 -5.47
CA PHE A 185 -13.08 2.66 -6.14
C PHE A 185 -12.63 3.29 -7.46
N VAL A 186 -11.92 4.40 -7.37
CA VAL A 186 -11.46 5.15 -8.57
C VAL A 186 -9.96 5.45 -8.45
N ASP A 187 -9.35 5.79 -9.57
CA ASP A 187 -7.99 6.40 -9.66
C ASP A 187 -7.02 5.58 -8.82
N PHE A 188 -6.34 6.22 -7.87
CA PHE A 188 -5.19 5.58 -7.18
C PHE A 188 -5.66 4.31 -6.47
N ARG A 189 -6.78 4.34 -5.76
CA ARG A 189 -7.25 3.15 -5.01
C ARG A 189 -7.59 2.02 -5.98
N PHE A 190 -8.24 2.32 -7.09
CA PHE A 190 -8.56 1.30 -8.13
C PHE A 190 -7.28 0.57 -8.50
N PHE A 191 -6.18 1.28 -8.74
CA PHE A 191 -4.92 0.62 -9.15
C PHE A 191 -4.33 -0.18 -7.99
N THR A 192 -4.14 0.45 -6.85
CA THR A 192 -3.39 -0.17 -5.73
C THR A 192 -4.16 -1.35 -5.15
N ALA A 193 -5.49 -1.31 -5.14
CA ALA A 193 -6.31 -2.41 -4.60
C ALA A 193 -5.99 -3.71 -5.34
N TYR A 194 -5.76 -3.65 -6.65
CA TYR A 194 -5.44 -4.87 -7.44
C TYR A 194 -4.00 -5.32 -7.15
N GLY A 195 -3.07 -4.38 -7.18
CA GLY A 195 -1.66 -4.74 -6.92
C GLY A 195 -1.49 -5.39 -5.56
N GLU A 196 -2.13 -4.83 -4.55
CA GLU A 196 -1.94 -5.30 -3.15
C GLU A 196 -2.32 -6.78 -3.04
N THR A 197 -3.28 -7.25 -3.82
CA THR A 197 -3.71 -8.67 -3.69
C THR A 197 -2.64 -9.62 -4.23
N THR A 198 -1.69 -9.14 -5.04
CA THR A 198 -0.57 -10.00 -5.51
C THR A 198 0.52 -10.07 -4.44
N PHE A 199 0.63 -9.06 -3.57
CA PHE A 199 1.80 -8.93 -2.70
C PHE A 199 1.96 -10.16 -1.80
N PRO A 200 0.90 -10.74 -1.21
CA PRO A 200 1.11 -11.90 -0.35
C PRO A 200 1.69 -13.09 -1.12
N ALA A 201 1.28 -13.28 -2.38
CA ALA A 201 1.75 -14.41 -3.23
C ALA A 201 3.18 -14.16 -3.69
N ASN A 202 3.57 -12.89 -3.85
CA ASN A 202 4.87 -12.54 -4.45
C ASN A 202 5.94 -12.34 -3.38
N LEU A 203 5.55 -11.88 -2.19
CA LEU A 203 6.53 -11.35 -1.19
C LEU A 203 6.41 -12.04 0.17
N PHE A 204 5.28 -12.64 0.52
CA PHE A 204 5.13 -13.33 1.82
C PHE A 204 5.46 -14.82 1.70
N VAL A 205 5.72 -15.29 0.48
CA VAL A 205 6.12 -16.71 0.23
C VAL A 205 7.64 -16.81 0.41
N ASP A 206 8.09 -17.77 1.20
CA ASP A 206 9.53 -17.99 1.45
C ASP A 206 10.26 -18.04 0.12
N GLY A 207 11.35 -17.28 -0.03
CA GLY A 207 12.06 -17.14 -1.31
C GLY A 207 12.73 -18.42 -1.78
N ARG A 208 12.92 -19.42 -0.91
CA ARG A 208 13.50 -20.72 -1.34
C ARG A 208 12.48 -21.50 -2.17
N ARG A 209 11.20 -21.18 -2.00
CA ARG A 209 10.11 -21.83 -2.77
C ARG A 209 9.70 -20.90 -3.91
N ASP A 210 9.33 -19.65 -3.59
CA ASP A 210 8.89 -18.62 -4.57
C ASP A 210 7.86 -19.22 -5.54
N ASP A 211 6.92 -19.99 -5.03
CA ASP A 211 5.97 -20.75 -5.88
C ASP A 211 4.59 -20.05 -5.90
N GLY A 212 4.48 -18.88 -5.29
CA GLY A 212 3.22 -18.12 -5.32
C GLY A 212 2.13 -18.73 -4.46
N GLN A 213 2.46 -19.68 -3.58
CA GLN A 213 1.44 -20.40 -2.75
C GLN A 213 1.69 -20.08 -1.29
N LEU A 214 0.93 -19.15 -0.74
CA LEU A 214 1.14 -18.70 0.66
C LEU A 214 0.31 -19.56 1.62
N ASP A 215 0.95 -20.24 2.56
CA ASP A 215 0.18 -21.02 3.57
C ASP A 215 -0.48 -20.09 4.59
N MET A 216 -1.55 -20.58 5.23
CA MET A 216 -2.40 -19.75 6.12
C MET A 216 -1.69 -19.45 7.45
N ASP A 217 -0.76 -20.29 7.90
CA ASP A 217 0.01 -19.96 9.13
C ASP A 217 0.88 -18.73 8.84
N ALA A 218 1.64 -18.74 7.76
CA ALA A 218 2.43 -17.57 7.32
C ALA A 218 1.50 -16.38 7.10
N ALA A 219 0.38 -16.58 6.41
CA ALA A 219 -0.54 -15.46 6.14
C ALA A 219 -0.96 -14.80 7.47
N ARG A 220 -1.40 -15.57 8.45
CA ARG A 220 -1.85 -15.01 9.74
C ARG A 220 -0.68 -14.29 10.42
N SER A 221 0.50 -14.88 10.38
CA SER A 221 1.69 -14.31 11.05
C SER A 221 1.95 -12.88 10.53
N PHE A 222 1.92 -12.70 9.23
CA PHE A 222 2.12 -11.38 8.59
C PHE A 222 0.90 -10.47 8.83
N PHE A 223 -0.28 -10.92 8.46
CA PHE A 223 -1.47 -10.03 8.44
C PHE A 223 -1.92 -9.63 9.85
N GLN A 224 -1.82 -10.52 10.82
CA GLN A 224 -2.30 -10.24 12.19
C GLN A 224 -1.14 -9.78 13.06
N PHE A 225 -0.01 -10.49 13.08
CA PHE A 225 1.04 -10.28 14.10
C PHE A 225 2.21 -9.48 13.57
N SER A 226 2.19 -9.09 12.29
CA SER A 226 3.31 -8.32 11.70
C SER A 226 4.61 -9.10 11.92
N ARG A 227 4.58 -10.42 11.74
CA ARG A 227 5.68 -11.32 12.17
C ARG A 227 6.08 -12.22 11.01
N MET A 228 7.36 -12.21 10.66
CA MET A 228 7.89 -13.18 9.68
C MET A 228 7.85 -14.56 10.30
N PRO A 229 7.52 -15.61 9.52
CA PRO A 229 7.73 -16.98 10.00
C PRO A 229 9.16 -17.19 10.48
N ASP A 230 9.33 -18.11 11.42
CA ASP A 230 10.68 -18.53 11.85
C ASP A 230 11.43 -18.98 10.60
N ASP A 231 12.66 -18.50 10.43
CA ASP A 231 13.58 -18.87 9.32
C ASP A 231 13.06 -18.33 7.99
N PHE A 232 12.27 -17.26 7.98
CA PHE A 232 11.76 -16.69 6.72
C PHE A 232 12.90 -16.17 5.83
N PHE A 233 12.95 -16.68 4.60
CA PHE A 233 13.81 -16.13 3.54
C PHE A 233 12.96 -15.20 2.66
N ARG A 234 13.52 -14.04 2.33
CA ARG A 234 12.89 -13.11 1.37
C ARG A 234 12.89 -13.74 -0.03
N ALA A 235 12.05 -13.17 -0.89
CA ALA A 235 11.98 -13.51 -2.33
C ALA A 235 13.38 -13.45 -2.94
N PRO A 236 13.62 -14.29 -3.98
CA PRO A 236 14.95 -14.44 -4.57
C PRO A 236 15.32 -13.43 -5.65
N SER A 237 14.43 -12.47 -5.92
CA SER A 237 14.63 -11.42 -6.95
C SER A 237 13.68 -10.27 -6.66
N PRO A 238 13.96 -9.06 -7.18
CA PRO A 238 13.09 -7.91 -6.95
C PRO A 238 11.75 -8.08 -7.66
N ARG A 239 10.65 -7.84 -6.95
CA ARG A 239 9.32 -7.87 -7.59
C ARG A 239 8.34 -7.08 -6.75
N SER A 240 7.15 -6.86 -7.30
CA SER A 240 6.03 -6.23 -6.57
C SER A 240 4.73 -6.87 -7.05
N GLY A 241 4.14 -6.35 -8.13
CA GLY A 241 2.77 -6.69 -8.56
C GLY A 241 2.72 -7.64 -9.72
N THR A 242 3.78 -8.38 -10.01
N THR A 242 3.79 -8.39 -9.99
CA THR A 242 3.75 -9.35 -11.14
CA THR A 242 3.80 -9.52 -10.97
C THR A 242 2.59 -10.32 -10.87
C THR A 242 2.52 -10.35 -10.82
N GLY A 243 1.76 -10.55 -11.90
CA GLY A 243 0.58 -11.43 -11.83
C GLY A 243 -0.70 -10.66 -11.58
N VAL A 244 -0.64 -9.34 -11.44
CA VAL A 244 -1.85 -8.50 -11.24
C VAL A 244 -2.79 -8.72 -12.44
N GLU A 245 -2.24 -9.04 -13.61
CA GLU A 245 -3.08 -9.30 -14.80
C GLU A 245 -4.04 -10.47 -14.54
N VAL A 246 -3.63 -11.48 -13.77
CA VAL A 246 -4.48 -12.66 -13.46
C VAL A 246 -5.65 -12.19 -12.60
N VAL A 247 -5.35 -11.33 -11.63
CA VAL A 247 -6.39 -10.85 -10.68
C VAL A 247 -7.43 -10.04 -11.45
N VAL A 248 -6.98 -9.11 -12.30
CA VAL A 248 -7.91 -8.28 -13.11
C VAL A 248 -8.74 -9.20 -14.01
N GLN A 249 -8.09 -10.11 -14.73
CA GLN A 249 -8.75 -10.97 -15.75
C GLN A 249 -9.85 -11.81 -15.12
N ALA A 250 -9.72 -12.17 -13.83
CA ALA A 250 -10.69 -13.03 -13.13
C ALA A 250 -12.07 -12.34 -13.15
N HIS A 251 -12.11 -11.03 -12.92
CA HIS A 251 -13.37 -10.26 -12.79
C HIS A 251 -13.14 -8.81 -13.17
N PRO A 252 -12.98 -8.48 -14.47
CA PRO A 252 -12.66 -7.11 -14.85
C PRO A 252 -13.74 -6.14 -14.35
N MET A 253 -13.30 -5.06 -13.72
CA MET A 253 -14.16 -4.02 -13.14
C MET A 253 -13.84 -2.66 -13.77
N GLN A 254 -14.85 -1.80 -13.84
CA GLN A 254 -14.67 -0.38 -14.19
C GLN A 254 -14.54 0.41 -12.90
N PRO A 255 -13.76 1.51 -12.90
CA PRO A 255 -13.70 2.39 -11.73
C PRO A 255 -15.03 3.11 -11.50
N GLY A 256 -15.39 3.30 -10.23
CA GLY A 256 -16.68 3.88 -9.88
C GLY A 256 -16.86 4.01 -8.39
N ARG A 257 -18.07 4.32 -7.97
CA ARG A 257 -18.34 4.57 -6.54
C ARG A 257 -19.81 4.32 -6.29
N ASN A 258 -20.16 3.96 -5.06
CA ASN A 258 -21.56 4.11 -4.60
C ASN A 258 -21.83 5.60 -4.51
N VAL A 259 -23.07 6.00 -4.76
CA VAL A 259 -23.44 7.45 -4.83
C VAL A 259 -24.30 7.81 -3.62
N GLY A 260 -23.84 7.44 -2.43
CA GLY A 260 -24.45 7.83 -1.14
C GLY A 260 -25.47 6.81 -0.67
N LYS A 261 -25.68 5.74 -1.41
CA LYS A 261 -26.59 4.62 -1.03
C LYS A 261 -25.90 3.30 -1.37
N ILE A 262 -26.24 2.23 -0.66
CA ILE A 262 -25.73 0.89 -1.04
C ILE A 262 -26.28 0.50 -2.42
N ASN A 263 -25.60 -0.43 -3.11
CA ASN A 263 -26.06 -1.01 -4.39
C ASN A 263 -26.37 0.11 -5.37
N SER A 264 -25.47 1.08 -5.50
CA SER A 264 -25.64 2.24 -6.44
C SER A 264 -24.33 2.48 -7.18
N TYR A 265 -23.57 1.43 -7.46
CA TYR A 265 -22.22 1.58 -8.02
C TYR A 265 -22.33 2.25 -9.39
N THR A 266 -21.73 3.43 -9.53
CA THR A 266 -21.84 4.26 -10.74
C THR A 266 -20.44 4.46 -11.29
N VAL A 267 -20.23 4.08 -12.54
CA VAL A 267 -18.91 4.20 -13.19
C VAL A 267 -18.55 5.68 -13.37
N ASP A 268 -17.29 6.01 -13.11
CA ASP A 268 -16.74 7.38 -13.22
C ASP A 268 -15.89 7.47 -14.49
N PRO A 269 -16.40 8.08 -15.58
CA PRO A 269 -15.64 8.16 -16.82
C PRO A 269 -14.47 9.14 -16.76
N THR A 270 -14.38 9.93 -15.69
N THR A 270 -14.37 9.92 -15.68
CA THR A 270 -13.24 10.85 -15.47
CA THR A 270 -13.24 10.86 -15.46
C THR A 270 -12.11 10.08 -14.77
C THR A 270 -12.15 10.14 -14.67
N SER A 271 -12.41 8.92 -14.19
CA SER A 271 -11.37 8.12 -13.48
C SER A 271 -10.38 7.59 -14.50
N SER A 272 -9.14 7.44 -14.09
CA SER A 272 -8.18 6.56 -14.79
C SER A 272 -8.63 5.12 -14.64
N ASP A 273 -8.15 4.26 -15.53
CA ASP A 273 -8.29 2.78 -15.39
C ASP A 273 -6.99 2.17 -15.90
N PHE A 274 -6.92 0.86 -16.06
CA PHE A 274 -5.64 0.22 -16.47
C PHE A 274 -5.26 0.59 -17.90
N SER A 275 -6.18 1.17 -18.69
CA SER A 275 -5.87 1.61 -20.08
C SER A 275 -5.21 3.00 -20.07
N THR A 276 -5.26 3.70 -18.93
CA THR A 276 -4.73 5.08 -18.79
C THR A 276 -3.86 5.23 -17.53
N PRO A 277 -2.76 4.46 -17.40
CA PRO A 277 -1.94 4.56 -16.20
C PRO A 277 -1.31 5.94 -15.99
N CYS A 278 -0.93 6.65 -17.05
CA CYS A 278 -0.33 8.00 -16.91
C CYS A 278 -1.34 8.98 -16.33
N LEU A 279 -2.64 8.82 -16.68
CA LEU A 279 -3.73 9.66 -16.13
C LEU A 279 -3.82 9.48 -14.61
N MET A 280 -3.59 8.26 -14.12
N MET A 280 -3.66 8.26 -14.11
CA MET A 280 -3.66 7.99 -12.66
CA MET A 280 -3.67 8.00 -12.66
C MET A 280 -2.59 8.84 -11.96
C MET A 280 -2.61 8.88 -11.99
N TYR A 281 -1.37 8.87 -12.50
CA TYR A 281 -0.27 9.70 -11.97
C TYR A 281 -0.66 11.18 -12.06
N GLU A 282 -1.16 11.62 -13.22
CA GLU A 282 -1.44 13.07 -13.42
C GLU A 282 -2.52 13.52 -12.44
N LYS A 283 -3.57 12.71 -12.25
CA LYS A 283 -4.68 13.09 -11.34
C LYS A 283 -4.18 13.04 -9.90
N PHE A 284 -3.32 12.08 -9.57
CA PHE A 284 -2.79 11.98 -8.18
C PHE A 284 -2.07 13.30 -7.84
N VAL A 285 -1.27 13.80 -8.76
CA VAL A 285 -0.49 15.04 -8.53
C VAL A 285 -1.40 16.26 -8.66
N ASN A 286 -2.12 16.40 -9.77
CA ASN A 286 -2.87 17.65 -10.08
C ASN A 286 -4.09 17.81 -9.18
N ILE A 287 -4.67 16.73 -8.69
CA ILE A 287 -5.93 16.79 -7.89
C ILE A 287 -5.62 16.42 -6.44
N THR A 288 -5.14 15.22 -6.16
CA THR A 288 -5.01 14.75 -4.76
C THR A 288 -3.96 15.59 -4.02
N VAL A 289 -2.73 15.61 -4.51
CA VAL A 289 -1.64 16.36 -3.82
C VAL A 289 -2.01 17.84 -3.81
N LYS A 290 -2.41 18.39 -4.96
CA LYS A 290 -2.71 19.84 -5.07
C LYS A 290 -3.85 20.23 -4.12
N SER A 291 -4.83 19.36 -3.89
CA SER A 291 -5.98 19.68 -3.01
C SER A 291 -5.51 19.78 -1.55
N LEU A 292 -4.46 19.04 -1.17
CA LEU A 292 -3.89 19.09 0.21
C LEU A 292 -3.00 20.33 0.35
N TYR A 293 -2.35 20.76 -0.72
CA TYR A 293 -1.42 21.91 -0.72
C TYR A 293 -1.74 22.85 -1.88
N PRO A 294 -2.88 23.59 -1.82
CA PRO A 294 -3.28 24.42 -2.96
C PRO A 294 -2.40 25.64 -3.21
N ASN A 295 -1.86 26.26 -2.14
CA ASN A 295 -1.06 27.50 -2.25
C ASN A 295 0.06 27.47 -1.22
N PRO A 296 1.04 26.55 -1.36
CA PRO A 296 2.03 26.33 -0.32
C PRO A 296 3.03 27.50 -0.21
N THR A 297 3.52 27.75 1.00
CA THR A 297 4.62 28.70 1.28
C THR A 297 5.92 28.16 0.68
N VAL A 298 6.96 29.00 0.64
CA VAL A 298 8.23 28.77 -0.11
C VAL A 298 8.83 27.42 0.30
N GLN A 299 8.93 27.14 1.60
CA GLN A 299 9.65 25.93 2.09
C GLN A 299 8.81 24.70 1.74
N LEU A 300 7.49 24.78 1.88
CA LEU A 300 6.59 23.64 1.56
C LEU A 300 6.63 23.38 0.05
N ARG A 301 6.59 24.43 -0.76
CA ARG A 301 6.65 24.31 -2.23
C ARG A 301 7.93 23.58 -2.64
N LYS A 302 9.07 23.96 -2.08
CA LYS A 302 10.37 23.29 -2.35
C LYS A 302 10.27 21.80 -1.98
N ALA A 303 9.76 21.47 -0.79
CA ALA A 303 9.65 20.07 -0.34
C ALA A 303 8.69 19.29 -1.25
N LEU A 304 7.58 19.90 -1.63
CA LEU A 304 6.61 19.27 -2.56
C LEU A 304 7.32 18.95 -3.88
N ASN A 305 7.99 19.93 -4.49
CA ASN A 305 8.62 19.74 -5.82
C ASN A 305 9.68 18.63 -5.73
N THR A 306 10.44 18.60 -4.63
CA THR A 306 11.48 17.57 -4.45
C THR A 306 10.81 16.19 -4.42
N ASN A 307 9.80 16.02 -3.57
CA ASN A 307 9.13 14.71 -3.41
C ASN A 307 8.37 14.35 -4.68
N LEU A 308 7.84 15.33 -5.42
CA LEU A 308 7.18 15.05 -6.72
C LEU A 308 8.20 14.56 -7.76
N ASP A 309 9.41 15.11 -7.75
CA ASP A 309 10.49 14.61 -8.65
C ASP A 309 10.78 13.14 -8.30
N PHE A 310 10.85 12.84 -7.00
CA PHE A 310 11.15 11.47 -6.52
C PHE A 310 10.01 10.54 -6.94
N LEU A 311 8.76 10.97 -6.76
CA LEU A 311 7.57 10.20 -7.20
C LEU A 311 7.72 9.86 -8.68
N PHE A 312 8.11 10.82 -9.52
CA PHE A 312 8.17 10.58 -10.98
C PHE A 312 9.25 9.55 -11.33
N GLN A 313 10.30 9.42 -10.52
CA GLN A 313 11.33 8.35 -10.70
C GLN A 313 10.67 6.98 -10.68
N GLY A 314 9.58 6.85 -9.91
CA GLY A 314 8.84 5.59 -9.76
C GLY A 314 7.79 5.39 -10.83
N VAL A 315 7.57 6.36 -11.71
CA VAL A 315 6.50 6.31 -12.74
C VAL A 315 7.06 5.60 -13.98
N ALA A 316 6.28 4.69 -14.55
CA ALA A 316 6.70 3.83 -15.68
C ALA A 316 7.08 4.73 -16.86
N ALA A 317 8.14 4.37 -17.58
CA ALA A 317 8.65 5.14 -18.74
C ALA A 317 7.52 5.30 -19.76
N GLY A 318 7.40 6.47 -20.37
CA GLY A 318 6.35 6.76 -21.36
C GLY A 318 5.35 7.79 -20.86
N CYS A 319 5.30 8.05 -19.56
CA CYS A 319 4.48 9.14 -18.97
C CYS A 319 5.28 10.44 -18.97
N THR A 320 4.59 11.56 -19.10
CA THR A 320 5.13 12.94 -19.03
C THR A 320 5.03 13.42 -17.58
N GLN A 321 6.09 13.98 -17.03
CA GLN A 321 6.06 14.61 -15.70
C GLN A 321 5.17 15.86 -15.75
N VAL A 322 4.34 16.05 -14.73
CA VAL A 322 3.48 17.26 -14.55
C VAL A 322 4.02 18.07 -13.37
N PHE A 323 3.81 19.38 -13.41
CA PHE A 323 4.41 20.36 -12.48
C PHE A 323 3.32 21.27 -11.92
N PRO A 324 2.63 20.88 -10.84
CA PRO A 324 1.53 21.69 -10.30
C PRO A 324 1.97 23.02 -9.68
N TYR A 325 3.25 23.15 -9.31
CA TYR A 325 3.82 24.36 -8.68
C TYR A 325 4.91 24.95 -9.58
N GLY A 326 4.93 24.58 -10.86
CA GLY A 326 5.97 24.99 -11.83
C GLY A 326 7.25 24.20 -11.66
N ARG A 327 8.27 24.49 -12.47
CA ARG A 327 9.61 23.83 -12.41
C ARG A 327 10.56 24.69 -11.56
#